data_9FVG
#
_entry.id   9FVG
#
_cell.length_a   82.053
_cell.length_b   112.141
_cell.length_c   62.557
_cell.angle_alpha   90.00
_cell.angle_beta   90.00
_cell.angle_gamma   90.00
#
_symmetry.space_group_name_H-M   'C 2 2 21'
#
loop_
_entity.id
_entity.type
_entity.pdbx_description
1 polymer '14-3-3 protein sigma'
2 polymer 'Microtubule-associated protein tau'
3 non-polymer 1-(3-bromanyl-4-methyl-phenyl)-2-(4-ethylphenyl)imidazole
4 water water
#
loop_
_entity_poly.entity_id
_entity_poly.type
_entity_poly.pdbx_seq_one_letter_code
_entity_poly.pdbx_strand_id
1 'polypeptide(L)'
;GAMGSMERASLIQKAKLAEQAERYEDMAAFMKGAVEKGEELSCEERNLLSVAYKNVVGGQRAAWRVLSSIEQKSNEEGSE
EKGPEVREYREKVETELQGVCDTVLGLLDSHLIKEAGDAESRVFYLKMKGDYYRYLAEVATGDDKKRIIDSARSAYQEAM
DISKKEMPPTNPIRLGLALNFSVFHYEIANSPEEAISLAKTTFDEAMADLHTLSEDSYKDSTLIMQLLRDNLTLWT
;
A
2 'polypeptide(L)' SRTP(SEP)LPTPPTRE P
#
loop_
_chem_comp.id
_chem_comp.type
_chem_comp.name
_chem_comp.formula
A1IF3 non-polymer 1-(3-bromanyl-4-methyl-phenyl)-2-(4-ethylphenyl)imidazole 'C18 H17 Br N2'
#
# COMPACT_ATOMS: atom_id res chain seq x y z
N GLY A 1 14.29 4.18 20.31
CA GLY A 1 13.62 2.96 19.90
C GLY A 1 14.47 1.74 20.23
N ALA A 2 13.80 0.58 20.24
CA ALA A 2 14.41 -0.66 20.67
C ALA A 2 15.51 -1.14 19.71
N MET A 3 15.47 -0.66 18.47
CA MET A 3 16.47 -1.02 17.48
C MET A 3 17.63 -0.02 17.40
N GLY A 4 17.63 0.98 18.29
CA GLY A 4 18.65 2.00 18.28
C GLY A 4 20.08 1.52 18.44
N SER A 5 20.26 0.38 19.11
CA SER A 5 21.60 -0.14 19.36
C SER A 5 22.10 -1.09 18.28
N MET A 6 21.25 -1.43 17.30
CA MET A 6 21.65 -2.39 16.29
C MET A 6 22.13 -1.63 15.05
N GLU A 7 23.22 -2.11 14.44
CA GLU A 7 23.72 -1.58 13.19
C GLU A 7 22.66 -1.59 12.10
N ARG A 8 22.67 -0.54 11.27
CA ARG A 8 21.78 -0.50 10.13
C ARG A 8 21.92 -1.75 9.29
N ALA A 9 23.15 -2.16 8.95
CA ALA A 9 23.32 -3.31 8.08
C ALA A 9 22.74 -4.57 8.70
N SER A 10 22.89 -4.70 10.02
CA SER A 10 22.35 -5.85 10.73
C SER A 10 20.82 -5.86 10.76
N LEU A 11 20.20 -4.68 10.86
CA LEU A 11 18.75 -4.58 10.77
C LEU A 11 18.27 -5.03 9.40
N ILE A 12 18.95 -4.59 8.34
CA ILE A 12 18.58 -5.02 7.00
C ILE A 12 18.76 -6.53 6.82
N GLN A 13 19.89 -7.06 7.29
CA GLN A 13 20.13 -8.49 7.25
C GLN A 13 19.02 -9.27 7.97
N LYS A 14 18.67 -8.81 9.18
CA LYS A 14 17.64 -9.49 9.95
C LYS A 14 16.25 -9.32 9.34
N ALA A 15 15.97 -8.21 8.68
CA ALA A 15 14.71 -8.06 7.97
C ALA A 15 14.58 -9.13 6.88
N LYS A 16 15.68 -9.41 6.17
CA LYS A 16 15.64 -10.43 5.13
C LYS A 16 15.45 -11.83 5.73
N LEU A 17 16.12 -12.09 6.86
CA LEU A 17 15.91 -13.34 7.59
C LEU A 17 14.45 -13.50 8.07
N ALA A 18 13.90 -12.42 8.61
CA ALA A 18 12.52 -12.42 9.08
C ALA A 18 11.55 -12.70 7.93
N GLU A 19 11.82 -12.14 6.76
CA GLU A 19 11.00 -12.43 5.60
C GLU A 19 11.05 -13.93 5.26
N GLN A 20 12.25 -14.51 5.25
CA GLN A 20 12.38 -15.93 4.94
C GLN A 20 11.63 -16.80 5.96
N ALA A 21 11.64 -16.32 7.23
CA ALA A 21 10.98 -17.04 8.31
C ALA A 21 9.48 -16.70 8.43
N GLU A 22 8.99 -15.84 7.56
CA GLU A 22 7.60 -15.38 7.59
C GLU A 22 7.23 -14.75 8.92
N ARG A 23 8.19 -14.03 9.48
CA ARG A 23 8.03 -13.29 10.72
C ARG A 23 7.87 -11.81 10.37
N TYR A 24 6.69 -11.44 9.86
CA TYR A 24 6.52 -10.11 9.31
C TYR A 24 6.48 -8.97 10.33
N GLU A 25 5.98 -9.23 11.54
N GLU A 25 5.97 -9.24 11.54
CA GLU A 25 6.03 -8.23 12.60
CA GLU A 25 6.03 -8.23 12.60
C GLU A 25 7.49 -7.90 12.94
C GLU A 25 7.48 -7.91 12.93
N ASP A 26 8.32 -8.93 13.07
CA ASP A 26 9.73 -8.71 13.29
C ASP A 26 10.34 -7.96 12.10
N MET A 27 10.01 -8.38 10.89
CA MET A 27 10.54 -7.73 9.70
C MET A 27 10.23 -6.23 9.73
N ALA A 28 8.98 -5.87 10.07
CA ALA A 28 8.59 -4.48 10.13
C ALA A 28 9.36 -3.70 11.19
N ALA A 29 9.55 -4.34 12.36
CA ALA A 29 10.29 -3.68 13.43
C ALA A 29 11.73 -3.45 13.03
N PHE A 30 12.34 -4.43 12.35
CA PHE A 30 13.71 -4.23 11.85
C PHE A 30 13.77 -3.11 10.83
N MET A 31 12.81 -3.07 9.90
CA MET A 31 12.83 -2.02 8.88
C MET A 31 12.53 -0.64 9.46
N LYS A 32 11.64 -0.54 10.45
CA LYS A 32 11.42 0.71 11.16
C LYS A 32 12.73 1.16 11.78
N GLY A 33 13.44 0.25 12.44
CA GLY A 33 14.73 0.58 13.00
C GLY A 33 15.69 1.12 11.95
N ALA A 34 15.72 0.46 10.79
CA ALA A 34 16.60 0.90 9.73
C ALA A 34 16.22 2.31 9.24
N VAL A 35 14.93 2.57 9.04
CA VAL A 35 14.52 3.90 8.62
C VAL A 35 14.97 4.94 9.63
N GLU A 36 14.79 4.63 10.91
CA GLU A 36 15.12 5.56 11.97
C GLU A 36 16.61 5.84 12.12
N LYS A 37 17.46 5.10 11.40
CA LYS A 37 18.86 5.47 11.32
C LYS A 37 19.08 6.80 10.61
N GLY A 38 18.09 7.22 9.79
CA GLY A 38 18.14 8.56 9.22
C GLY A 38 18.66 8.65 7.79
N GLU A 39 19.21 7.55 7.27
CA GLU A 39 19.74 7.53 5.93
C GLU A 39 18.61 7.17 4.97
N GLU A 40 18.73 7.65 3.73
CA GLU A 40 17.83 7.22 2.67
C GLU A 40 17.87 5.70 2.50
N LEU A 41 16.80 5.16 1.92
CA LEU A 41 16.70 3.74 1.63
C LEU A 41 17.00 3.50 0.15
N SER A 42 17.71 2.42 -0.11
CA SER A 42 17.87 1.94 -1.46
C SER A 42 16.58 1.33 -1.99
N CYS A 43 16.56 1.02 -3.28
CA CYS A 43 15.44 0.35 -3.89
C CYS A 43 15.07 -0.94 -3.16
N GLU A 44 16.09 -1.78 -2.94
CA GLU A 44 15.82 -3.04 -2.26
C GLU A 44 15.25 -2.81 -0.87
N GLU A 45 15.83 -1.84 -0.15
CA GLU A 45 15.39 -1.56 1.20
C GLU A 45 13.95 -1.01 1.26
N ARG A 46 13.58 -0.18 0.28
CA ARG A 46 12.22 0.31 0.19
C ARG A 46 11.25 -0.84 0.01
N ASN A 47 11.64 -1.80 -0.83
CA ASN A 47 10.79 -2.97 -1.03
C ASN A 47 10.69 -3.79 0.26
N LEU A 48 11.77 -3.91 1.03
CA LEU A 48 11.67 -4.64 2.29
C LEU A 48 10.69 -3.96 3.24
N LEU A 49 10.78 -2.64 3.34
CA LEU A 49 9.88 -1.88 4.19
C LEU A 49 8.42 -2.15 3.79
N SER A 50 8.16 -2.09 2.48
CA SER A 50 6.82 -2.24 1.97
C SER A 50 6.28 -3.64 2.24
N VAL A 51 7.09 -4.65 1.97
CA VAL A 51 6.64 -6.03 2.16
C VAL A 51 6.28 -6.26 3.63
N ALA A 52 7.12 -5.74 4.52
CA ALA A 52 6.94 -6.01 5.93
C ALA A 52 5.60 -5.47 6.38
N TYR A 53 5.37 -4.18 6.14
CA TYR A 53 4.16 -3.55 6.64
C TYR A 53 2.92 -4.01 5.88
N LYS A 54 3.04 -4.35 4.60
CA LYS A 54 1.91 -4.86 3.84
C LYS A 54 1.41 -6.15 4.50
N ASN A 55 2.33 -7.02 4.87
CA ASN A 55 1.95 -8.27 5.51
C ASN A 55 1.31 -8.03 6.87
N VAL A 56 1.90 -7.13 7.67
CA VAL A 56 1.34 -6.87 8.99
C VAL A 56 -0.07 -6.31 8.86
N VAL A 57 -0.25 -5.26 8.07
N VAL A 57 -0.24 -5.25 8.09
CA VAL A 57 -1.55 -4.60 8.00
CA VAL A 57 -1.55 -4.61 8.00
C VAL A 57 -2.51 -5.50 7.23
C VAL A 57 -2.51 -5.53 7.26
N GLY A 58 -1.99 -6.34 6.33
CA GLY A 58 -2.84 -7.27 5.61
C GLY A 58 -3.58 -8.22 6.54
N GLY A 59 -2.84 -8.79 7.49
CA GLY A 59 -3.44 -9.65 8.51
C GLY A 59 -4.47 -8.91 9.36
N GLN A 60 -4.13 -7.67 9.73
CA GLN A 60 -5.03 -6.89 10.56
C GLN A 60 -6.32 -6.58 9.81
N ARG A 61 -6.20 -6.18 8.53
CA ARG A 61 -7.36 -5.87 7.73
C ARG A 61 -8.25 -7.09 7.52
N ALA A 62 -7.63 -8.25 7.29
CA ALA A 62 -8.39 -9.46 7.08
C ALA A 62 -9.17 -9.79 8.35
N ALA A 63 -8.54 -9.62 9.52
CA ALA A 63 -9.21 -9.89 10.80
C ALA A 63 -10.32 -8.89 11.05
N TRP A 64 -10.06 -7.62 10.73
CA TRP A 64 -11.05 -6.58 10.88
C TRP A 64 -12.30 -6.89 10.05
N ARG A 65 -12.11 -7.34 8.81
N ARG A 65 -12.11 -7.34 8.81
CA ARG A 65 -13.24 -7.62 7.93
CA ARG A 65 -13.27 -7.61 7.96
C ARG A 65 -14.07 -8.79 8.46
C ARG A 65 -14.09 -8.77 8.52
N VAL A 66 -13.41 -9.81 9.03
CA VAL A 66 -14.10 -10.95 9.61
C VAL A 66 -14.98 -10.46 10.75
N LEU A 67 -14.39 -9.64 11.64
CA LEU A 67 -15.07 -9.19 12.84
C LEU A 67 -16.20 -8.22 12.51
N SER A 68 -15.93 -7.31 11.57
N SER A 68 -15.96 -7.33 11.54
CA SER A 68 -16.92 -6.35 11.13
CA SER A 68 -16.99 -6.41 11.11
C SER A 68 -18.14 -7.05 10.53
C SER A 68 -18.21 -7.14 10.55
N SER A 69 -17.91 -8.16 9.82
N SER A 69 -17.98 -8.17 9.73
CA SER A 69 -19.01 -8.90 9.24
CA SER A 69 -19.09 -8.94 9.21
C SER A 69 -19.88 -9.58 10.30
C SER A 69 -19.90 -9.54 10.35
N ILE A 70 -19.22 -10.14 11.33
CA ILE A 70 -19.94 -10.75 12.45
C ILE A 70 -20.75 -9.66 13.15
N GLU A 71 -20.13 -8.50 13.34
CA GLU A 71 -20.78 -7.39 14.02
C GLU A 71 -22.02 -6.93 13.24
N GLN A 72 -21.89 -6.85 11.91
CA GLN A 72 -22.99 -6.44 11.06
C GLN A 72 -24.15 -7.43 11.18
N LYS A 73 -23.83 -8.72 11.20
CA LYS A 73 -24.84 -9.75 11.32
C LYS A 73 -25.52 -9.74 12.69
N SER A 74 -24.77 -9.33 13.72
CA SER A 74 -25.34 -9.19 15.05
C SER A 74 -26.40 -8.09 15.11
N ASN A 75 -26.31 -7.10 14.19
CA ASN A 75 -27.25 -6.00 14.14
C ASN A 75 -28.33 -6.15 13.04
N LYS A 82 -27.40 -10.17 22.05
CA LYS A 82 -25.98 -10.37 22.33
C LYS A 82 -25.33 -9.14 22.97
N GLY A 83 -24.11 -9.33 23.51
CA GLY A 83 -23.40 -8.35 24.33
C GLY A 83 -22.35 -7.53 23.58
N PRO A 84 -21.47 -6.80 24.30
CA PRO A 84 -20.52 -5.87 23.69
C PRO A 84 -19.25 -6.47 23.10
N GLU A 85 -19.07 -7.78 23.22
CA GLU A 85 -17.78 -8.38 22.96
C GLU A 85 -17.35 -8.27 21.51
N VAL A 86 -18.25 -8.50 20.56
CA VAL A 86 -17.88 -8.40 19.15
C VAL A 86 -17.38 -7.00 18.83
N ARG A 87 -18.16 -5.99 19.21
CA ARG A 87 -17.75 -4.62 19.01
C ARG A 87 -16.42 -4.34 19.69
N GLU A 88 -16.26 -4.76 20.94
CA GLU A 88 -15.02 -4.49 21.65
C GLU A 88 -13.83 -5.09 20.92
N TYR A 89 -13.97 -6.31 20.44
CA TYR A 89 -12.81 -6.98 19.85
C TYR A 89 -12.54 -6.40 18.45
N ARG A 90 -13.59 -6.07 17.69
CA ARG A 90 -13.40 -5.35 16.44
C ARG A 90 -12.68 -4.03 16.69
N GLU A 91 -13.06 -3.31 17.75
CA GLU A 91 -12.41 -2.04 18.09
C GLU A 91 -10.95 -2.26 18.46
N LYS A 92 -10.65 -3.35 19.16
CA LYS A 92 -9.28 -3.69 19.54
C LYS A 92 -8.42 -3.86 18.29
N VAL A 93 -8.89 -4.69 17.37
CA VAL A 93 -8.16 -4.91 16.13
C VAL A 93 -8.05 -3.62 15.34
N GLU A 94 -9.14 -2.85 15.27
CA GLU A 94 -9.14 -1.58 14.55
C GLU A 94 -8.08 -0.62 15.09
N THR A 95 -8.00 -0.51 16.41
CA THR A 95 -7.04 0.40 17.02
C THR A 95 -5.61 -0.04 16.70
N GLU A 96 -5.36 -1.36 16.72
N GLU A 96 -5.38 -1.36 16.72
CA GLU A 96 -4.03 -1.86 16.43
CA GLU A 96 -4.07 -1.90 16.44
C GLU A 96 -3.68 -1.57 14.97
C GLU A 96 -3.70 -1.57 14.99
N LEU A 97 -4.65 -1.78 14.07
CA LEU A 97 -4.45 -1.45 12.66
C LEU A 97 -4.13 0.03 12.46
N GLN A 98 -4.93 0.87 13.10
CA GLN A 98 -4.72 2.31 13.01
C GLN A 98 -3.31 2.66 13.51
N GLY A 99 -2.89 2.00 14.58
CA GLY A 99 -1.55 2.25 15.10
C GLY A 99 -0.44 1.93 14.11
N VAL A 100 -0.59 0.80 13.40
CA VAL A 100 0.40 0.41 12.42
C VAL A 100 0.38 1.42 11.26
N CYS A 101 -0.81 1.81 10.80
CA CYS A 101 -0.86 2.78 9.72
C CYS A 101 -0.22 4.10 10.13
N ASP A 102 -0.50 4.55 11.36
CA ASP A 102 0.07 5.79 11.85
C ASP A 102 1.59 5.66 11.93
N THR A 103 2.09 4.49 12.28
CA THR A 103 3.54 4.30 12.35
C THR A 103 4.16 4.43 10.97
N VAL A 104 3.54 3.78 9.97
CA VAL A 104 4.08 3.85 8.62
C VAL A 104 4.04 5.29 8.14
N LEU A 105 2.88 5.94 8.30
CA LEU A 105 2.74 7.31 7.89
C LEU A 105 3.76 8.20 8.57
N GLY A 106 4.04 7.91 9.84
CA GLY A 106 5.03 8.67 10.56
C GLY A 106 6.44 8.53 9.98
N LEU A 107 6.81 7.31 9.56
CA LEU A 107 8.10 7.10 8.92
C LEU A 107 8.19 7.87 7.61
N LEU A 108 7.07 7.87 6.86
CA LEU A 108 7.07 8.57 5.59
C LEU A 108 7.23 10.06 5.83
N ASP A 109 6.58 10.57 6.88
CA ASP A 109 6.65 11.99 7.19
C ASP A 109 7.92 12.41 7.92
N SER A 110 8.66 11.47 8.48
CA SER A 110 9.81 11.77 9.31
C SER A 110 10.92 10.75 9.04
N HIS A 111 11.63 10.86 7.90
CA HIS A 111 11.62 11.97 6.97
C HIS A 111 11.77 11.41 5.56
N LEU A 112 11.19 10.22 5.30
CA LEU A 112 11.43 9.58 4.01
C LEU A 112 11.00 10.40 2.78
N ILE A 113 9.79 10.96 2.81
CA ILE A 113 9.31 11.70 1.65
C ILE A 113 10.15 12.96 1.40
N LYS A 114 10.42 13.73 2.43
CA LYS A 114 11.08 15.00 2.20
C LYS A 114 12.50 14.80 1.67
N GLU A 115 13.17 13.70 1.98
CA GLU A 115 14.52 13.46 1.47
C GLU A 115 14.60 12.75 0.12
N ALA A 116 13.40 12.30 -0.36
CA ALA A 116 13.28 11.54 -1.60
C ALA A 116 13.18 12.49 -2.79
N GLY A 117 14.26 12.57 -3.56
CA GLY A 117 14.38 13.47 -4.69
C GLY A 117 14.25 12.80 -6.05
N ASP A 118 14.61 11.52 -6.12
CA ASP A 118 14.52 10.82 -7.38
C ASP A 118 13.08 10.39 -7.55
N ALA A 119 12.63 10.37 -8.81
CA ALA A 119 11.24 10.05 -9.06
C ALA A 119 10.86 8.68 -8.50
N GLU A 120 11.73 7.68 -8.67
CA GLU A 120 11.43 6.32 -8.22
C GLU A 120 11.12 6.31 -6.73
N SER A 121 12.00 6.94 -5.94
CA SER A 121 11.81 6.92 -4.49
C SER A 121 10.58 7.74 -4.09
N ARG A 122 10.45 8.94 -4.66
CA ARG A 122 9.37 9.80 -4.25
C ARG A 122 8.00 9.21 -4.56
N VAL A 123 7.87 8.66 -5.78
CA VAL A 123 6.63 8.00 -6.16
C VAL A 123 6.36 6.82 -5.24
N PHE A 124 7.38 6.02 -4.97
CA PHE A 124 7.21 4.85 -4.11
C PHE A 124 6.60 5.27 -2.77
N TYR A 125 7.17 6.29 -2.16
CA TYR A 125 6.75 6.69 -0.82
C TYR A 125 5.38 7.34 -0.85
N LEU A 126 5.10 8.15 -1.88
CA LEU A 126 3.79 8.77 -1.96
C LEU A 126 2.70 7.73 -2.22
N LYS A 127 3.01 6.72 -3.02
CA LYS A 127 2.11 5.58 -3.18
C LYS A 127 1.83 4.90 -1.83
N MET A 128 2.88 4.64 -1.06
CA MET A 128 2.71 4.09 0.28
C MET A 128 1.78 4.99 1.10
N LYS A 129 2.01 6.29 1.07
CA LYS A 129 1.22 7.23 1.84
C LYS A 129 -0.25 7.12 1.45
N GLY A 130 -0.52 7.06 0.14
CA GLY A 130 -1.89 6.84 -0.30
C GLY A 130 -2.48 5.53 0.24
N ASP A 131 -1.72 4.45 0.12
CA ASP A 131 -2.18 3.14 0.54
C ASP A 131 -2.54 3.14 2.03
N TYR A 132 -1.67 3.73 2.90
CA TYR A 132 -1.92 3.64 4.33
C TYR A 132 -3.04 4.59 4.76
N TYR A 133 -3.22 5.73 4.08
CA TYR A 133 -4.42 6.50 4.31
C TYR A 133 -5.66 5.74 3.83
N ARG A 134 -5.53 5.00 2.71
CA ARG A 134 -6.64 4.19 2.24
C ARG A 134 -7.05 3.15 3.29
N TYR A 135 -6.07 2.50 3.90
CA TYR A 135 -6.38 1.54 4.96
C TYR A 135 -7.06 2.23 6.14
N LEU A 136 -6.61 3.42 6.52
CA LEU A 136 -7.32 4.17 7.56
C LEU A 136 -8.74 4.49 7.11
N ALA A 137 -8.92 4.79 5.81
CA ALA A 137 -10.25 5.13 5.31
C ALA A 137 -11.20 3.95 5.41
N GLU A 138 -10.66 2.74 5.22
CA GLU A 138 -11.48 1.55 5.22
C GLU A 138 -12.24 1.38 6.54
N VAL A 139 -11.65 1.86 7.64
CA VAL A 139 -12.24 1.67 8.96
C VAL A 139 -12.78 2.95 9.57
N ALA A 140 -12.72 4.05 8.80
CA ALA A 140 -13.07 5.34 9.35
C ALA A 140 -14.57 5.61 9.29
N THR A 141 -15.05 6.29 10.35
CA THR A 141 -16.39 6.83 10.52
C THR A 141 -16.19 8.12 11.33
N GLY A 142 -17.18 9.00 11.38
CA GLY A 142 -17.05 10.25 12.13
C GLY A 142 -16.23 11.35 11.46
N ASP A 143 -15.92 12.40 12.25
CA ASP A 143 -15.67 13.74 11.73
C ASP A 143 -14.56 13.87 10.68
N ASP A 144 -13.63 12.90 10.69
CA ASP A 144 -12.40 12.97 9.91
C ASP A 144 -12.36 12.05 8.69
N LYS A 145 -13.40 11.24 8.46
CA LYS A 145 -13.34 10.28 7.37
C LYS A 145 -13.11 10.97 6.02
N LYS A 146 -13.81 12.08 5.78
CA LYS A 146 -13.61 12.80 4.54
C LYS A 146 -12.17 13.27 4.44
N ARG A 147 -11.58 13.72 5.57
CA ARG A 147 -10.24 14.27 5.50
C ARG A 147 -9.28 13.11 5.25
N ILE A 148 -9.55 11.92 5.81
CA ILE A 148 -8.68 10.79 5.57
C ILE A 148 -8.70 10.40 4.09
N ILE A 149 -9.92 10.30 3.54
CA ILE A 149 -10.06 10.01 2.14
C ILE A 149 -9.31 11.02 1.28
N ASP A 150 -9.42 12.30 1.63
CA ASP A 150 -8.74 13.31 0.82
C ASP A 150 -7.22 13.23 0.97
N SER A 151 -6.75 12.83 2.15
CA SER A 151 -5.33 12.62 2.35
C SER A 151 -4.81 11.52 1.45
N ALA A 152 -5.56 10.40 1.37
CA ALA A 152 -5.17 9.36 0.44
C ALA A 152 -5.14 9.87 -1.00
N ARG A 153 -6.24 10.50 -1.41
CA ARG A 153 -6.35 11.02 -2.76
C ARG A 153 -5.18 11.93 -3.12
N SER A 154 -4.84 12.86 -2.20
CA SER A 154 -3.81 13.85 -2.45
C SER A 154 -2.45 13.19 -2.65
N ALA A 155 -2.16 12.19 -1.82
CA ALA A 155 -0.89 11.49 -1.95
C ALA A 155 -0.80 10.74 -3.28
N TYR A 156 -1.86 10.00 -3.59
CA TYR A 156 -1.91 9.27 -4.85
C TYR A 156 -1.77 10.22 -6.04
N GLN A 157 -2.46 11.36 -5.99
CA GLN A 157 -2.45 12.31 -7.10
C GLN A 157 -1.07 12.89 -7.30
N GLU A 158 -0.37 13.24 -6.21
CA GLU A 158 1.00 13.73 -6.39
C GLU A 158 1.91 12.65 -6.99
N ALA A 159 1.75 11.42 -6.51
CA ALA A 159 2.51 10.31 -7.06
C ALA A 159 2.22 10.13 -8.55
N MET A 160 0.93 10.24 -8.93
CA MET A 160 0.54 10.05 -10.33
C MET A 160 1.18 11.14 -11.17
N ASP A 161 1.14 12.38 -10.67
CA ASP A 161 1.67 13.48 -11.46
C ASP A 161 3.18 13.31 -11.73
N ILE A 162 3.93 12.93 -10.69
CA ILE A 162 5.35 12.69 -10.86
C ILE A 162 5.59 11.51 -11.78
N SER A 163 4.85 10.41 -11.58
CA SER A 163 5.09 9.22 -12.39
C SER A 163 4.84 9.47 -13.88
N LYS A 164 3.82 10.28 -14.22
CA LYS A 164 3.47 10.54 -15.60
C LYS A 164 4.58 11.35 -16.24
N LYS A 165 5.21 12.25 -15.46
CA LYS A 165 6.25 13.11 -16.02
C LYS A 165 7.60 12.42 -16.13
N GLU A 166 7.91 11.53 -15.18
CA GLU A 166 9.28 11.09 -14.98
C GLU A 166 9.57 9.61 -15.24
N MET A 167 8.50 8.81 -15.39
CA MET A 167 8.67 7.36 -15.51
C MET A 167 8.00 6.86 -16.79
N PRO A 168 8.53 5.79 -17.42
CA PRO A 168 7.86 5.18 -18.56
C PRO A 168 6.56 4.53 -18.10
N PRO A 169 5.60 4.37 -19.02
CA PRO A 169 4.29 3.82 -18.68
C PRO A 169 4.32 2.37 -18.24
N THR A 170 5.44 1.68 -18.47
CA THR A 170 5.63 0.31 -18.03
C THR A 170 6.34 0.18 -16.70
N ASN A 171 6.80 1.28 -16.11
CA ASN A 171 7.54 1.18 -14.85
C ASN A 171 6.68 0.47 -13.80
N PRO A 172 7.15 -0.58 -13.10
CA PRO A 172 6.33 -1.30 -12.15
C PRO A 172 5.73 -0.45 -11.05
N ILE A 173 6.49 0.54 -10.55
CA ILE A 173 5.97 1.41 -9.52
C ILE A 173 4.83 2.26 -10.08
N ARG A 174 5.02 2.82 -11.27
CA ARG A 174 3.94 3.56 -11.92
C ARG A 174 2.69 2.69 -12.10
N LEU A 175 2.89 1.46 -12.57
CA LEU A 175 1.77 0.55 -12.77
C LEU A 175 1.06 0.17 -11.47
N GLY A 176 1.85 -0.14 -10.45
CA GLY A 176 1.30 -0.49 -9.14
C GLY A 176 0.53 0.66 -8.52
N LEU A 177 1.09 1.87 -8.64
CA LEU A 177 0.39 3.07 -8.18
C LEU A 177 -0.96 3.19 -8.86
N ALA A 178 -0.97 3.07 -10.20
CA ALA A 178 -2.23 3.19 -10.93
C ALA A 178 -3.24 2.15 -10.50
N LEU A 179 -2.76 0.90 -10.34
N LEU A 179 -2.77 0.91 -10.32
CA LEU A 179 -3.61 -0.17 -9.84
CA LEU A 179 -3.64 -0.16 -9.85
C LEU A 179 -4.25 0.20 -8.50
C LEU A 179 -4.25 0.20 -8.50
N ASN A 180 -3.42 0.64 -7.54
CA ASN A 180 -3.93 0.95 -6.21
C ASN A 180 -4.81 2.19 -6.20
N PHE A 181 -4.46 3.22 -6.99
CA PHE A 181 -5.29 4.42 -7.05
C PHE A 181 -6.63 4.06 -7.66
N SER A 182 -6.66 3.17 -8.67
N SER A 182 -6.63 3.17 -8.66
CA SER A 182 -7.93 2.75 -9.25
CA SER A 182 -7.86 2.70 -9.27
C SER A 182 -8.77 1.99 -8.21
C SER A 182 -8.73 1.99 -8.23
N VAL A 183 -8.11 1.17 -7.38
CA VAL A 183 -8.84 0.52 -6.29
C VAL A 183 -9.38 1.54 -5.28
N PHE A 184 -8.58 2.57 -4.97
CA PHE A 184 -9.08 3.68 -4.16
C PHE A 184 -10.36 4.26 -4.77
N HIS A 185 -10.35 4.54 -6.07
CA HIS A 185 -11.53 5.12 -6.69
C HIS A 185 -12.74 4.21 -6.54
N TYR A 186 -12.53 2.91 -6.80
CA TYR A 186 -13.64 1.98 -6.81
C TYR A 186 -14.19 1.71 -5.41
N GLU A 187 -13.27 1.51 -4.44
N GLU A 187 -13.27 1.47 -4.45
CA GLU A 187 -13.63 0.95 -3.14
CA GLU A 187 -13.67 0.98 -3.13
C GLU A 187 -13.80 1.98 -2.03
C GLU A 187 -13.98 2.08 -2.12
N ILE A 188 -13.20 3.17 -2.20
CA ILE A 188 -13.21 4.20 -1.18
C ILE A 188 -13.97 5.44 -1.62
N ALA A 189 -13.69 5.95 -2.85
CA ALA A 189 -14.23 7.23 -3.30
C ALA A 189 -15.56 7.12 -4.05
N ASN A 190 -16.13 5.92 -4.13
CA ASN A 190 -17.41 5.76 -4.79
C ASN A 190 -17.37 6.30 -6.22
N SER A 191 -16.29 5.96 -6.93
CA SER A 191 -16.04 6.50 -8.27
C SER A 191 -15.66 5.38 -9.21
N PRO A 192 -16.56 4.40 -9.46
CA PRO A 192 -16.20 3.24 -10.27
C PRO A 192 -15.79 3.63 -11.70
N GLU A 193 -16.47 4.62 -12.28
CA GLU A 193 -16.12 5.02 -13.64
C GLU A 193 -14.67 5.53 -13.71
N GLU A 194 -14.25 6.31 -12.71
CA GLU A 194 -12.88 6.80 -12.67
C GLU A 194 -11.91 5.64 -12.51
N ALA A 195 -12.28 4.67 -11.67
CA ALA A 195 -11.47 3.48 -11.48
C ALA A 195 -11.24 2.74 -12.78
N ILE A 196 -12.33 2.51 -13.50
CA ILE A 196 -12.28 1.78 -14.75
C ILE A 196 -11.45 2.56 -15.79
N SER A 197 -11.67 3.87 -15.89
N SER A 197 -11.69 3.87 -15.90
CA SER A 197 -10.96 4.68 -16.87
CA SER A 197 -10.95 4.69 -16.85
C SER A 197 -9.47 4.71 -16.57
C SER A 197 -9.47 4.63 -16.57
N LEU A 198 -9.10 4.79 -15.30
CA LEU A 198 -7.69 4.77 -14.94
C LEU A 198 -7.05 3.43 -15.26
N ALA A 199 -7.72 2.33 -14.91
CA ALA A 199 -7.13 1.04 -15.20
C ALA A 199 -6.96 0.81 -16.69
N LYS A 200 -7.97 1.19 -17.48
N LYS A 200 -7.98 1.16 -17.47
CA LYS A 200 -7.94 1.00 -18.92
CA LYS A 200 -7.94 1.01 -18.92
C LYS A 200 -6.84 1.82 -19.58
C LYS A 200 -6.81 1.81 -19.54
N THR A 201 -6.74 3.10 -19.25
CA THR A 201 -5.72 3.96 -19.85
C THR A 201 -4.33 3.49 -19.43
N THR A 202 -4.19 3.08 -18.17
CA THR A 202 -2.91 2.58 -17.70
C THR A 202 -2.49 1.33 -18.48
N PHE A 203 -3.43 0.40 -18.62
CA PHE A 203 -3.15 -0.84 -19.32
C PHE A 203 -2.72 -0.55 -20.75
N ASP A 204 -3.49 0.29 -21.44
CA ASP A 204 -3.27 0.56 -22.85
C ASP A 204 -1.95 1.29 -23.09
N GLU A 205 -1.60 2.23 -22.23
CA GLU A 205 -0.35 2.94 -22.40
C GLU A 205 0.83 2.04 -22.08
N ALA A 206 0.68 1.11 -21.13
CA ALA A 206 1.73 0.14 -20.87
C ALA A 206 1.91 -0.81 -22.06
N MET A 207 0.79 -1.33 -22.59
CA MET A 207 0.86 -2.23 -23.72
C MET A 207 1.70 -1.63 -24.84
N ALA A 208 1.46 -0.35 -25.12
CA ALA A 208 2.15 0.32 -26.22
C ALA A 208 3.65 0.50 -26.01
N ASP A 209 4.12 0.37 -24.77
CA ASP A 209 5.52 0.58 -24.44
C ASP A 209 6.29 -0.72 -24.20
N LEU A 210 5.59 -1.87 -24.21
CA LEU A 210 6.23 -3.15 -23.93
C LEU A 210 7.37 -3.46 -24.91
N HIS A 211 7.26 -2.94 -26.14
CA HIS A 211 8.24 -3.24 -27.17
C HIS A 211 9.65 -2.75 -26.84
N THR A 212 9.74 -1.81 -25.87
CA THR A 212 11.00 -1.22 -25.48
C THR A 212 11.77 -2.04 -24.45
N LEU A 213 11.10 -3.05 -23.88
CA LEU A 213 11.60 -3.70 -22.70
C LEU A 213 12.41 -4.95 -23.00
N SER A 214 13.35 -5.23 -22.10
CA SER A 214 13.98 -6.54 -22.02
C SER A 214 13.00 -7.60 -21.55
N GLU A 215 13.41 -8.88 -21.66
CA GLU A 215 12.57 -9.99 -21.24
C GLU A 215 12.20 -9.88 -19.77
N ASP A 216 13.16 -9.56 -18.91
CA ASP A 216 12.88 -9.52 -17.49
C ASP A 216 11.97 -8.35 -17.10
N SER A 217 12.14 -7.20 -17.74
CA SER A 217 11.30 -6.05 -17.48
C SER A 217 9.89 -6.30 -18.02
N TYR A 218 9.82 -6.94 -19.19
CA TYR A 218 8.55 -7.34 -19.77
C TYR A 218 7.74 -8.21 -18.81
N LYS A 219 8.41 -9.19 -18.18
CA LYS A 219 7.73 -10.07 -17.24
C LYS A 219 7.09 -9.27 -16.11
N ASP A 220 7.86 -8.39 -15.47
CA ASP A 220 7.31 -7.61 -14.38
C ASP A 220 6.16 -6.70 -14.80
N SER A 221 6.34 -5.96 -15.89
CA SER A 221 5.27 -5.07 -16.35
C SER A 221 4.01 -5.85 -16.71
N THR A 222 4.16 -6.98 -17.43
CA THR A 222 2.98 -7.72 -17.84
C THR A 222 2.26 -8.40 -16.68
N LEU A 223 2.99 -8.76 -15.62
CA LEU A 223 2.33 -9.28 -14.43
C LEU A 223 1.35 -8.24 -13.88
N ILE A 224 1.80 -6.98 -13.77
CA ILE A 224 0.93 -5.96 -13.19
C ILE A 224 -0.19 -5.60 -14.16
N MET A 225 0.10 -5.58 -15.46
CA MET A 225 -0.95 -5.35 -16.43
C MET A 225 -2.06 -6.39 -16.31
N GLN A 226 -1.69 -7.64 -16.05
CA GLN A 226 -2.69 -8.67 -15.92
C GLN A 226 -3.59 -8.43 -14.69
N LEU A 227 -3.04 -7.88 -13.62
CA LEU A 227 -3.84 -7.51 -12.46
C LEU A 227 -4.78 -6.35 -12.76
N LEU A 228 -4.34 -5.38 -13.57
CA LEU A 228 -5.24 -4.35 -14.03
C LEU A 228 -6.39 -4.96 -14.82
N ARG A 229 -6.06 -5.84 -15.76
CA ARG A 229 -7.06 -6.51 -16.59
C ARG A 229 -8.03 -7.31 -15.71
N ASP A 230 -7.50 -7.99 -14.70
CA ASP A 230 -8.36 -8.77 -13.82
C ASP A 230 -9.39 -7.87 -13.14
N ASN A 231 -8.95 -6.71 -12.66
CA ASN A 231 -9.88 -5.79 -12.03
C ASN A 231 -10.90 -5.25 -13.02
N LEU A 232 -10.45 -4.90 -14.22
CA LEU A 232 -11.38 -4.46 -15.24
C LEU A 232 -12.44 -5.52 -15.52
N THR A 233 -12.04 -6.78 -15.58
CA THR A 233 -12.98 -7.88 -15.76
C THR A 233 -14.00 -7.99 -14.62
N LEU A 234 -13.52 -7.78 -13.38
CA LEU A 234 -14.37 -7.87 -12.21
C LEU A 234 -15.39 -6.72 -12.21
N TRP A 235 -14.95 -5.54 -12.69
CA TRP A 235 -15.73 -4.32 -12.59
C TRP A 235 -16.68 -4.06 -13.76
N THR A 236 -16.52 -4.84 -14.83
CA THR A 236 -17.29 -4.68 -16.05
C THR A 236 -17.96 -6.01 -16.51
N ARG B 2 -13.58 -7.41 -1.46
CA ARG B 2 -13.11 -6.16 -2.04
C ARG B 2 -12.24 -6.45 -3.25
N THR B 3 -12.10 -5.46 -4.14
CA THR B 3 -11.23 -5.62 -5.30
C THR B 3 -9.77 -5.82 -4.90
N PRO B 4 -9.02 -6.75 -5.54
CA PRO B 4 -7.59 -6.86 -5.27
C PRO B 4 -6.72 -5.65 -5.63
N SEP B 5 -5.92 -5.21 -4.65
CA SEP B 5 -4.85 -4.25 -4.86
CB SEP B 5 -4.70 -3.38 -3.65
OG SEP B 5 -4.37 -4.24 -2.54
C SEP B 5 -3.54 -4.96 -5.19
O SEP B 5 -3.50 -6.16 -5.40
P SEP B 5 -4.42 -3.64 -1.06
O1P SEP B 5 -3.47 -2.46 -1.03
O2P SEP B 5 -3.99 -4.84 -0.20
O3P SEP B 5 -5.86 -3.20 -0.81
N LEU B 6 -2.44 -4.20 -5.30
CA LEU B 6 -1.18 -4.82 -5.69
C LEU B 6 -0.73 -5.81 -4.64
N PRO B 7 -0.39 -7.06 -5.03
CA PRO B 7 0.19 -8.03 -4.12
C PRO B 7 1.69 -7.80 -3.91
N THR B 8 2.28 -8.60 -3.03
CA THR B 8 3.72 -8.72 -2.89
C THR B 8 4.42 -8.94 -4.22
N PRO B 9 5.60 -8.33 -4.48
CA PRO B 9 6.37 -8.63 -5.69
C PRO B 9 6.83 -10.09 -5.75
N PRO B 10 7.03 -10.67 -6.96
CA PRO B 10 7.49 -12.05 -7.08
C PRO B 10 8.86 -12.22 -6.40
C1 A1IF3 C . 2.93 -9.57 -8.87
C2 A1IF3 C . 2.81 -8.15 -9.36
C3 A1IF3 C . 4.05 -7.30 -9.13
C4 A1IF3 C . 5.07 -7.27 -10.07
C5 A1IF3 C . 6.20 -6.51 -9.87
C10 A1IF3 C . 6.75 -3.02 -7.17
C11 A1IF3 C . 5.84 -2.34 -7.96
C15 A1IF3 C . 5.79 -2.07 -5.19
C16 A1IF3 C . 6.75 -2.86 -5.79
C17 A1IF3 C . 5.34 -5.78 -7.77
C18 A1IF3 C . 4.20 -6.54 -7.99
C6 A1IF3 C . 6.34 -5.73 -8.74
C7 A1IF3 C . 7.59 -4.96 -8.53
C8 A1IF3 C . 9.68 -4.45 -8.52
C9 A1IF3 C . 9.07 -3.48 -7.80
C13 A1IF3 C . 4.87 -1.38 -5.98
C14 A1IF3 C . 3.86 -0.52 -5.36
C12 A1IF3 C . 4.88 -1.55 -7.36
N1 A1IF3 C . 8.76 -5.38 -8.95
N2 A1IF3 C . 7.73 -3.82 -7.80
BR1 A1IF3 C . 5.73 -1.92 -3.27
#